data_9H7Y
#
_entry.id   9H7Y
#
_cell.length_a   85.167
_cell.length_b   125.038
_cell.length_c   133.056
_cell.angle_alpha   90
_cell.angle_beta   90
_cell.angle_gamma   90
#
_symmetry.space_group_name_H-M   'C 2 2 21'
#
loop_
_entity.id
_entity.type
_entity.pdbx_description
1 polymer 'Uncharacterized ABC transporter ATP-binding protein MJ0035'
2 polymer 'Iron-sulfur cluster assembly SufBD family protein MJ0034'
3 non-polymer 'MAGNESIUM ION'
4 non-polymer 'PHOSPHOAMINOPHOSPHONIC ACID-ADENYLATE ESTER'
5 water water
#
loop_
_entity_poly.entity_id
_entity_poly.type
_entity_poly.pdbx_seq_one_letter_code
_entity_poly.pdbx_strand_id
1 'polypeptide(L)'
;GEFMVSIMLLKVEDLHVYRGNREILKGVNLTVEENEIHAIIGPNGAGKSTLAYTIMGISGYKPTKGRIIFKGVDIIDKNI
TERARMGMTLAWQEPARFEGIKVKNYLMLGMNEKYKKDKEIAEEKIREALKLVNLDPDKYLDRYVDETLSGGERKRIELA
SIICMEPDLAILDEPDSGIDIVSFDEIKRVFDYLKDKGCSLLVITHREELAEHADRVSLICAGEVIKSGDPKEVGEFYKK
ECGKCYKKVPDGK
;
A
2 'polypeptide(L)'
;MSIKEELMEIIEAIKYTSEKPEEIVHGKGPRIIVKESRIIDVQGDEGIILEGKEEDGKIKAKIIVKKGYKFKYPIHMCFG
ITEENISQIIDVEIILEEDSSISLMSHCSFPKGKGIKHIMNGIIKIGKNAKFSYNEFHYHGMDGDILVKPTVKVEIDEGG
IYISNFTLTKGRIGTLDIEQEIIAKKDAIIDITTRTYAIKEDVVKVNEVVKLNGENAKCIIKSRGAAMDNSKISLKLKIE
GNAPYSKGHIDCAEIVKGNAEVESIPIVVVRDDKARITHEAAIGSVDKKQLETLMAKGLDEDEATEIIVKGMIGDL
;
B
#
# COMPACT_ATOMS: atom_id res chain seq x y z
N GLY A 1 26.36 -13.30 31.70
CA GLY A 1 26.58 -14.60 32.33
C GLY A 1 26.61 -15.76 31.34
N GLU A 2 27.67 -16.60 31.38
CA GLU A 2 27.76 -17.73 30.44
C GLU A 2 27.39 -19.09 31.07
N PHE A 3 26.59 -19.07 32.15
CA PHE A 3 26.05 -20.28 32.79
C PHE A 3 24.62 -20.46 32.28
N MET A 4 24.27 -21.69 31.87
CA MET A 4 22.96 -22.04 31.29
C MET A 4 22.71 -21.39 29.91
N VAL A 5 23.79 -21.07 29.19
CA VAL A 5 23.67 -20.51 27.86
C VAL A 5 23.17 -21.51 26.84
N SER A 6 23.34 -22.82 27.08
CA SER A 6 22.88 -23.87 26.16
C SER A 6 21.35 -23.88 25.98
N ILE A 7 20.60 -23.33 26.92
CA ILE A 7 19.14 -23.24 26.81
C ILE A 7 18.67 -21.79 26.58
N MET A 8 19.57 -20.90 26.16
CA MET A 8 19.23 -19.51 25.92
C MET A 8 19.17 -19.21 24.44
N LEU A 9 18.06 -18.59 24.02
CA LEU A 9 17.83 -18.20 22.65
C LEU A 9 18.40 -16.81 22.44
N LEU A 10 18.06 -15.88 23.35
CA LEU A 10 18.49 -14.50 23.25
C LEU A 10 19.19 -14.08 24.54
N LYS A 11 20.21 -13.25 24.42
CA LYS A 11 20.95 -12.76 25.57
C LYS A 11 21.40 -11.32 25.34
N VAL A 12 20.76 -10.36 26.02
CA VAL A 12 21.12 -8.96 25.95
C VAL A 12 21.99 -8.67 27.16
N GLU A 13 23.25 -8.29 26.93
CA GLU A 13 24.18 -8.02 28.01
C GLU A 13 24.50 -6.53 28.10
N ASP A 14 24.29 -5.91 29.30
CA ASP A 14 24.54 -4.50 29.64
C ASP A 14 24.43 -3.54 28.45
N LEU A 15 23.25 -3.49 27.85
CA LEU A 15 22.99 -2.71 26.63
C LEU A 15 22.72 -1.22 26.84
N HIS A 16 23.49 -0.38 26.15
CA HIS A 16 23.35 1.07 26.20
C HIS A 16 22.98 1.58 24.82
N VAL A 17 21.76 2.11 24.67
CA VAL A 17 21.32 2.62 23.37
C VAL A 17 21.04 4.11 23.51
N TYR A 18 21.69 4.93 22.66
CA TYR A 18 21.54 6.37 22.69
C TYR A 18 20.72 6.84 21.48
N ARG A 19 19.85 7.82 21.68
CA ARG A 19 19.11 8.42 20.58
C ARG A 19 19.48 9.88 20.60
N GLY A 20 20.61 10.20 19.96
CA GLY A 20 21.14 11.56 19.94
C GLY A 20 21.95 11.82 21.18
N ASN A 21 21.62 12.88 21.93
CA ASN A 21 22.32 13.19 23.17
C ASN A 21 21.77 12.39 24.37
N ARG A 22 20.53 11.89 24.28
CA ARG A 22 19.87 11.13 25.35
C ARG A 22 20.22 9.65 25.34
N GLU A 23 20.45 9.07 26.51
CA GLU A 23 20.70 7.63 26.65
C GLU A 23 19.35 7.03 27.04
N ILE A 24 18.71 6.23 26.18
CA ILE A 24 17.42 5.64 26.51
C ILE A 24 17.61 4.38 27.34
N LEU A 25 18.42 3.42 26.85
CA LEU A 25 18.69 2.20 27.59
C LEU A 25 20.01 2.38 28.31
N LYS A 26 20.00 2.25 29.64
CA LYS A 26 21.19 2.47 30.46
C LYS A 26 21.68 1.19 31.14
N GLY A 27 22.03 0.19 30.34
CA GLY A 27 22.50 -1.09 30.85
C GLY A 27 21.39 -2.10 31.00
N VAL A 28 20.92 -2.66 29.88
CA VAL A 28 19.86 -3.65 29.89
C VAL A 28 20.40 -5.06 29.93
N ASN A 29 20.05 -5.81 30.96
CA ASN A 29 20.42 -7.21 31.04
C ASN A 29 19.13 -7.99 30.98
N LEU A 30 18.94 -8.73 29.90
CA LEU A 30 17.72 -9.47 29.67
C LEU A 30 18.07 -10.76 28.90
N THR A 31 17.47 -11.91 29.26
CA THR A 31 17.68 -13.14 28.49
C THR A 31 16.34 -13.78 28.13
N VAL A 32 16.27 -14.44 26.98
CA VAL A 32 15.07 -15.16 26.57
C VAL A 32 15.49 -16.60 26.35
N GLU A 33 14.87 -17.51 27.07
CA GLU A 33 15.18 -18.94 26.99
C GLU A 33 14.29 -19.65 25.96
N GLU A 34 14.62 -20.91 25.61
CA GLU A 34 13.87 -21.65 24.60
C GLU A 34 12.49 -22.02 25.12
N ASN A 35 11.48 -21.95 24.24
CA ASN A 35 10.07 -22.21 24.52
C ASN A 35 9.55 -21.45 25.75
N GLU A 36 9.86 -20.15 25.79
CA GLU A 36 9.47 -19.31 26.90
C GLU A 36 8.69 -18.10 26.43
N ILE A 37 7.64 -17.75 27.17
CA ILE A 37 6.91 -16.52 26.91
C ILE A 37 7.45 -15.57 27.99
N HIS A 38 8.40 -14.69 27.61
CA HIS A 38 9.02 -13.75 28.53
C HIS A 38 8.43 -12.36 28.28
N ALA A 39 7.67 -11.84 29.25
CA ALA A 39 7.06 -10.53 29.11
C ALA A 39 7.94 -9.41 29.67
N ILE A 40 7.80 -8.21 29.11
CA ILE A 40 8.54 -7.05 29.57
C ILE A 40 7.52 -5.98 29.94
N ILE A 41 7.46 -5.62 31.23
CA ILE A 41 6.55 -4.57 31.70
C ILE A 41 7.30 -3.29 32.02
N GLY A 42 6.60 -2.18 31.99
CA GLY A 42 7.20 -0.90 32.29
C GLY A 42 6.30 0.25 31.93
N PRO A 43 6.53 1.40 32.58
CA PRO A 43 5.70 2.58 32.27
C PRO A 43 5.99 3.16 30.87
N ASN A 44 5.26 4.21 30.50
CA ASN A 44 5.47 4.86 29.21
C ASN A 44 6.79 5.60 29.24
N GLY A 45 7.59 5.43 28.18
CA GLY A 45 8.89 6.09 28.09
C GLY A 45 10.03 5.37 28.81
N ALA A 46 9.80 4.12 29.22
CA ALA A 46 10.82 3.35 29.91
C ALA A 46 11.87 2.76 28.95
N GLY A 47 11.57 2.67 27.65
CA GLY A 47 12.48 2.13 26.66
C GLY A 47 12.09 0.75 26.15
N LYS A 48 10.82 0.36 26.33
CA LYS A 48 10.26 -0.92 25.89
C LYS A 48 10.37 -1.06 24.36
N SER A 49 9.90 -0.04 23.61
CA SER A 49 9.99 -0.01 22.16
C SER A 49 11.45 0.02 21.71
N THR A 50 12.27 0.93 22.29
CA THR A 50 13.70 1.06 21.97
C THR A 50 14.43 -0.29 22.05
N LEU A 51 14.17 -1.05 23.12
CA LEU A 51 14.78 -2.35 23.31
C LEU A 51 14.35 -3.31 22.20
N ALA A 52 13.06 -3.33 21.87
CA ALA A 52 12.56 -4.21 20.83
C ALA A 52 13.16 -3.91 19.46
N TYR A 53 13.38 -2.62 19.15
CA TYR A 53 13.98 -2.22 17.88
C TYR A 53 15.47 -2.51 17.81
N THR A 54 16.15 -2.45 18.95
CA THR A 54 17.58 -2.72 19.01
C THR A 54 17.87 -4.20 18.78
N ILE A 55 17.02 -5.08 19.32
CA ILE A 55 17.17 -6.53 19.15
C ILE A 55 16.94 -6.89 17.67
N MET A 56 15.91 -6.31 17.06
CA MET A 56 15.59 -6.56 15.65
C MET A 56 16.61 -5.93 14.66
N GLY A 57 17.37 -4.94 15.13
CA GLY A 57 18.40 -4.31 14.30
C GLY A 57 17.93 -3.16 13.46
N ILE A 58 16.83 -2.53 13.88
CA ILE A 58 16.23 -1.39 13.18
C ILE A 58 17.25 -0.24 13.08
N SER A 59 17.37 0.41 11.91
CA SER A 59 18.33 1.48 11.72
C SER A 59 18.13 2.62 12.70
N GLY A 60 19.23 3.12 13.27
CA GLY A 60 19.21 4.19 14.25
C GLY A 60 19.28 3.72 15.68
N TYR A 61 18.81 2.48 15.93
CA TYR A 61 18.80 1.84 17.25
C TYR A 61 20.05 0.97 17.37
N LYS A 62 21.21 1.65 17.39
CA LYS A 62 22.54 1.03 17.47
C LYS A 62 23.11 1.13 18.87
N PRO A 63 23.53 -0.01 19.45
CA PRO A 63 24.12 0.03 20.79
C PRO A 63 25.51 0.63 20.81
N THR A 64 25.78 1.43 21.84
CA THR A 64 27.07 2.07 22.07
C THR A 64 27.93 1.15 22.96
N LYS A 65 27.30 0.56 23.98
CA LYS A 65 27.93 -0.38 24.90
C LYS A 65 27.01 -1.62 25.02
N GLY A 66 27.60 -2.78 25.26
CA GLY A 66 26.84 -4.01 25.40
C GLY A 66 26.65 -4.83 24.14
N ARG A 67 26.22 -6.09 24.31
CA ARG A 67 26.05 -6.98 23.17
C ARG A 67 24.75 -7.76 23.18
N ILE A 68 24.24 -8.12 21.97
CA ILE A 68 23.04 -8.92 21.79
C ILE A 68 23.44 -10.23 21.14
N ILE A 69 23.27 -11.35 21.85
CA ILE A 69 23.63 -12.65 21.33
C ILE A 69 22.38 -13.43 21.04
N PHE A 70 22.23 -13.92 19.82
CA PHE A 70 21.06 -14.71 19.44
C PHE A 70 21.57 -16.00 18.88
N LYS A 71 21.10 -17.12 19.44
CA LYS A 71 21.50 -18.46 19.03
C LYS A 71 23.02 -18.65 19.10
N GLY A 72 23.62 -18.13 20.15
CA GLY A 72 25.06 -18.23 20.38
C GLY A 72 25.93 -17.31 19.53
N VAL A 73 25.32 -16.57 18.61
CA VAL A 73 26.04 -15.68 17.71
C VAL A 73 25.81 -14.23 18.10
N ASP A 74 26.88 -13.43 18.18
CA ASP A 74 26.75 -12.01 18.48
C ASP A 74 26.29 -11.35 17.19
N ILE A 75 25.06 -10.83 17.18
CA ILE A 75 24.46 -10.24 16.00
C ILE A 75 24.76 -8.75 15.84
N ILE A 76 25.85 -8.24 16.48
CA ILE A 76 26.28 -6.84 16.39
C ILE A 76 26.40 -6.36 14.94
N ASP A 77 26.93 -7.21 14.06
CA ASP A 77 27.13 -6.84 12.65
C ASP A 77 26.06 -7.39 11.69
N LYS A 78 24.98 -7.98 12.22
CA LYS A 78 23.91 -8.54 11.39
C LYS A 78 22.77 -7.54 11.17
N ASN A 79 22.31 -7.37 9.90
CA ASN A 79 21.21 -6.44 9.58
C ASN A 79 19.83 -7.09 9.82
N ILE A 80 18.73 -6.33 9.67
CA ILE A 80 17.37 -6.83 9.89
C ILE A 80 17.08 -8.14 9.16
N THR A 81 17.45 -8.22 7.87
CA THR A 81 17.26 -9.43 7.06
C THR A 81 18.04 -10.62 7.62
N GLU A 82 19.31 -10.40 7.98
CA GLU A 82 20.17 -11.45 8.53
C GLU A 82 19.67 -11.95 9.89
N ARG A 83 19.14 -11.05 10.74
CA ARG A 83 18.56 -11.43 12.04
C ARG A 83 17.25 -12.17 11.84
N ALA A 84 16.45 -11.79 10.84
CA ALA A 84 15.21 -12.46 10.54
C ALA A 84 15.44 -13.85 9.98
N ARG A 85 16.53 -14.04 9.20
CA ARG A 85 16.91 -15.35 8.65
C ARG A 85 17.46 -16.33 9.73
N MET A 86 17.78 -15.82 10.92
CA MET A 86 18.19 -16.59 12.09
C MET A 86 16.94 -17.10 12.86
N GLY A 87 15.75 -16.53 12.61
CA GLY A 87 14.51 -16.91 13.27
C GLY A 87 13.95 -15.89 14.22
N MET A 88 14.36 -14.64 14.10
CA MET A 88 13.89 -13.57 14.98
C MET A 88 13.00 -12.63 14.19
N THR A 89 11.83 -12.25 14.75
CA THR A 89 10.95 -11.28 14.07
C THR A 89 10.32 -10.29 15.08
N LEU A 90 9.71 -9.17 14.59
CA LEU A 90 9.15 -8.11 15.42
C LEU A 90 7.69 -7.73 15.01
N ALA A 91 6.84 -7.27 15.97
CA ALA A 91 5.44 -6.83 15.75
C ALA A 91 5.21 -5.30 15.51
N TRP A 92 5.97 -4.41 16.21
CA TRP A 92 5.98 -2.94 16.02
C TRP A 92 5.10 -2.06 16.92
N GLN A 93 3.84 -2.46 17.20
CA GLN A 93 2.82 -1.71 17.95
C GLN A 93 1.88 -1.07 16.94
N GLU A 94 2.45 -0.30 15.98
CA GLU A 94 1.69 0.31 14.88
C GLU A 94 2.20 -0.36 13.60
N PRO A 95 1.69 -1.54 13.20
CA PRO A 95 2.23 -2.21 12.00
C PRO A 95 2.07 -1.34 10.75
N ALA A 96 3.15 -1.21 9.96
CA ALA A 96 3.17 -0.36 8.78
C ALA A 96 2.10 -0.71 7.76
N ARG A 97 1.51 0.32 7.12
CA ARG A 97 0.53 0.12 6.06
C ARG A 97 1.25 0.02 4.72
N PHE A 98 0.76 -0.83 3.83
CA PHE A 98 1.41 -1.07 2.54
C PHE A 98 0.47 -0.83 1.38
N GLU A 99 0.93 -0.10 0.36
CA GLU A 99 0.15 0.11 -0.86
C GLU A 99 0.12 -1.16 -1.68
N GLY A 100 -1.09 -1.61 -2.04
CA GLY A 100 -1.33 -2.75 -2.91
C GLY A 100 -0.87 -4.13 -2.53
N ILE A 101 -0.71 -4.41 -1.23
CA ILE A 101 -0.32 -5.76 -0.80
C ILE A 101 -1.52 -6.45 -0.18
N LYS A 102 -2.05 -7.51 -0.82
CA LYS A 102 -3.22 -8.23 -0.26
C LYS A 102 -2.84 -9.02 1.00
N VAL A 103 -3.83 -9.30 1.84
CA VAL A 103 -3.64 -10.07 3.06
C VAL A 103 -3.11 -11.47 2.73
N LYS A 104 -3.68 -12.11 1.69
CA LYS A 104 -3.24 -13.45 1.27
C LYS A 104 -1.77 -13.50 0.83
N ASN A 105 -1.26 -12.42 0.23
CA ASN A 105 0.14 -12.37 -0.19
C ASN A 105 1.04 -11.90 0.95
N TYR A 106 0.52 -11.04 1.84
CA TYR A 106 1.25 -10.52 2.99
C TYR A 106 1.52 -11.64 3.98
N LEU A 107 0.54 -12.51 4.21
CA LEU A 107 0.73 -13.62 5.16
C LEU A 107 1.69 -14.71 4.67
N MET A 108 2.03 -14.69 3.38
CA MET A 108 3.02 -15.59 2.80
C MET A 108 4.45 -15.09 3.07
N LEU A 109 4.64 -13.78 3.30
CA LEU A 109 5.97 -13.21 3.51
C LEU A 109 6.57 -13.67 4.82
N GLY A 110 7.69 -14.36 4.72
CA GLY A 110 8.39 -14.88 5.87
C GLY A 110 7.84 -16.17 6.43
N MET A 111 6.79 -16.74 5.79
CA MET A 111 6.15 -17.98 6.20
C MET A 111 7.16 -19.11 6.43
N ASN A 112 6.96 -19.88 7.49
CA ASN A 112 7.84 -20.97 7.88
C ASN A 112 7.99 -21.98 6.77
N GLU A 113 9.19 -22.52 6.58
CA GLU A 113 9.47 -23.51 5.56
C GLU A 113 8.60 -24.77 5.65
N LYS A 114 8.08 -25.07 6.84
CA LYS A 114 7.20 -26.24 7.02
C LYS A 114 5.78 -26.01 6.46
N TYR A 115 5.43 -24.77 6.06
CA TYR A 115 4.13 -24.49 5.48
C TYR A 115 4.32 -23.99 4.06
N LYS A 116 5.24 -23.03 3.89
CA LYS A 116 5.63 -22.36 2.65
C LYS A 116 5.82 -23.28 1.42
N LYS A 117 6.33 -24.50 1.66
CA LYS A 117 6.63 -25.51 0.64
C LYS A 117 5.38 -26.00 -0.15
N ASP A 118 4.48 -26.77 0.50
CA ASP A 118 3.29 -27.29 -0.17
C ASP A 118 2.32 -26.14 -0.39
N LYS A 119 1.76 -26.04 -1.60
CA LYS A 119 0.81 -24.99 -1.95
C LYS A 119 -0.48 -25.09 -1.13
N GLU A 120 -1.14 -26.25 -1.13
CA GLU A 120 -2.39 -26.46 -0.39
C GLU A 120 -2.21 -26.37 1.14
N ILE A 121 -0.97 -26.54 1.65
CA ILE A 121 -0.67 -26.44 3.07
C ILE A 121 -0.42 -24.98 3.46
N ALA A 122 0.24 -24.22 2.59
CA ALA A 122 0.52 -22.81 2.85
C ALA A 122 -0.77 -22.01 2.85
N GLU A 123 -1.68 -22.30 1.90
CA GLU A 123 -2.98 -21.63 1.79
C GLU A 123 -3.90 -21.98 2.97
N GLU A 124 -3.75 -23.18 3.54
CA GLU A 124 -4.54 -23.59 4.69
C GLU A 124 -4.01 -22.95 5.97
N LYS A 125 -2.68 -22.79 6.08
CA LYS A 125 -2.03 -22.17 7.23
C LYS A 125 -2.47 -20.71 7.40
N ILE A 126 -2.74 -20.02 6.28
CA ILE A 126 -3.22 -18.66 6.30
C ILE A 126 -4.61 -18.60 6.96
N ARG A 127 -5.51 -19.52 6.55
CA ARG A 127 -6.86 -19.60 7.09
C ARG A 127 -6.87 -19.88 8.59
N GLU A 128 -5.99 -20.77 9.05
CA GLU A 128 -5.82 -21.15 10.45
C GLU A 128 -5.33 -19.96 11.28
N ALA A 129 -4.44 -19.12 10.70
CA ALA A 129 -3.90 -17.94 11.36
C ALA A 129 -4.94 -16.84 11.47
N LEU A 130 -5.73 -16.62 10.40
CA LEU A 130 -6.77 -15.59 10.43
C LEU A 130 -7.92 -16.00 11.33
N LYS A 131 -8.24 -17.30 11.37
CA LYS A 131 -9.30 -17.80 12.26
C LYS A 131 -8.87 -17.69 13.73
N LEU A 132 -7.56 -17.81 14.02
CA LEU A 132 -6.99 -17.70 15.35
C LEU A 132 -7.07 -16.27 15.89
N VAL A 133 -6.92 -15.27 15.01
CA VAL A 133 -7.00 -13.88 15.44
C VAL A 133 -8.41 -13.28 15.29
N ASN A 134 -9.44 -14.14 15.19
CA ASN A 134 -10.85 -13.82 15.09
C ASN A 134 -11.21 -12.96 13.87
N LEU A 135 -10.56 -13.23 12.74
CA LEU A 135 -10.88 -12.56 11.49
C LEU A 135 -11.47 -13.60 10.54
N ASP A 136 -12.51 -13.23 9.80
CA ASP A 136 -13.13 -14.15 8.85
C ASP A 136 -12.20 -14.22 7.64
N PRO A 137 -11.59 -15.39 7.36
CA PRO A 137 -10.65 -15.46 6.22
C PRO A 137 -11.21 -14.98 4.90
N ASP A 138 -12.43 -15.38 4.55
CA ASP A 138 -13.05 -14.98 3.29
C ASP A 138 -13.35 -13.48 3.21
N LYS A 139 -13.52 -12.81 4.35
CA LYS A 139 -13.78 -11.38 4.38
C LYS A 139 -12.47 -10.53 4.28
N TYR A 140 -11.30 -11.13 4.58
CA TYR A 140 -10.05 -10.38 4.57
C TYR A 140 -8.99 -10.81 3.56
N LEU A 141 -8.99 -12.05 3.06
CA LEU A 141 -7.97 -12.54 2.13
C LEU A 141 -7.65 -11.65 0.92
N ASP A 142 -8.67 -11.02 0.33
CA ASP A 142 -8.45 -10.17 -0.83
C ASP A 142 -8.46 -8.65 -0.48
N ARG A 143 -8.34 -8.30 0.82
CA ARG A 143 -8.25 -6.92 1.28
C ARG A 143 -6.79 -6.50 1.29
N TYR A 144 -6.50 -5.21 1.09
CA TYR A 144 -5.12 -4.72 1.12
C TYR A 144 -4.70 -4.37 2.54
N VAL A 145 -3.42 -4.59 2.91
CA VAL A 145 -2.93 -4.23 4.25
C VAL A 145 -2.53 -2.77 4.26
N ASP A 146 -3.41 -1.92 3.71
CA ASP A 146 -3.22 -0.49 3.57
C ASP A 146 -3.98 0.32 4.65
N GLU A 147 -4.03 1.64 4.50
CA GLU A 147 -4.71 2.57 5.39
C GLU A 147 -6.22 2.28 5.55
N THR A 148 -6.81 1.56 4.57
CA THR A 148 -8.22 1.20 4.50
C THR A 148 -8.63 0.32 5.70
N LEU A 149 -7.73 -0.53 6.20
CA LEU A 149 -8.02 -1.36 7.36
C LEU A 149 -8.08 -0.54 8.64
N SER A 150 -8.77 -1.04 9.67
CA SER A 150 -8.78 -0.39 10.97
C SER A 150 -7.47 -0.80 11.69
N GLY A 151 -7.11 -0.10 12.75
CA GLY A 151 -5.93 -0.43 13.54
C GLY A 151 -6.00 -1.82 14.14
N GLY A 152 -7.21 -2.23 14.51
CA GLY A 152 -7.48 -3.54 15.07
C GLY A 152 -7.34 -4.65 14.05
N GLU A 153 -7.84 -4.40 12.83
CA GLU A 153 -7.75 -5.37 11.74
C GLU A 153 -6.28 -5.53 11.33
N ARG A 154 -5.55 -4.41 11.12
CA ARG A 154 -4.13 -4.45 10.73
C ARG A 154 -3.24 -5.10 11.79
N LYS A 155 -3.51 -4.85 13.09
CA LYS A 155 -2.71 -5.49 14.15
C LYS A 155 -3.06 -6.97 14.26
N ARG A 156 -4.32 -7.36 14.00
CA ARG A 156 -4.71 -8.78 14.01
C ARG A 156 -4.06 -9.51 12.82
N ILE A 157 -3.96 -8.85 11.66
CA ILE A 157 -3.27 -9.41 10.50
C ILE A 157 -1.76 -9.55 10.80
N GLU A 158 -1.19 -8.65 11.62
CA GLU A 158 0.21 -8.75 12.03
C GLU A 158 0.40 -9.95 12.96
N LEU A 159 -0.59 -10.24 13.81
CA LEU A 159 -0.58 -11.40 14.69
C LEU A 159 -0.68 -12.69 13.87
N ALA A 160 -1.50 -12.67 12.80
CA ALA A 160 -1.64 -13.81 11.89
C ALA A 160 -0.33 -14.02 11.10
N SER A 161 0.41 -12.95 10.80
CA SER A 161 1.68 -13.02 10.11
C SER A 161 2.70 -13.75 10.99
N ILE A 162 2.72 -13.42 12.30
CA ILE A 162 3.58 -14.08 13.28
C ILE A 162 3.28 -15.58 13.31
N ILE A 163 2.00 -15.96 13.21
CA ILE A 163 1.54 -17.35 13.20
C ILE A 163 2.06 -18.08 11.97
N CYS A 164 1.93 -17.47 10.79
CA CYS A 164 2.41 -18.07 9.55
C CYS A 164 3.94 -18.17 9.52
N MET A 165 4.62 -17.18 10.09
CA MET A 165 6.08 -17.16 10.15
C MET A 165 6.61 -18.21 11.11
N GLU A 166 5.91 -18.42 12.24
CA GLU A 166 6.30 -19.34 13.32
C GLU A 166 7.80 -19.19 13.67
N PRO A 167 8.22 -18.00 14.11
CA PRO A 167 9.65 -17.78 14.34
C PRO A 167 10.18 -18.46 15.59
N ASP A 168 11.50 -18.58 15.68
CA ASP A 168 12.14 -19.10 16.87
C ASP A 168 11.93 -18.06 18.01
N LEU A 169 12.07 -16.77 17.69
CA LEU A 169 11.80 -15.67 18.61
C LEU A 169 10.86 -14.67 17.96
N ALA A 170 9.74 -14.39 18.62
CA ALA A 170 8.78 -13.42 18.12
C ALA A 170 8.74 -12.29 19.13
N ILE A 171 9.24 -11.11 18.76
CA ILE A 171 9.19 -9.96 19.66
C ILE A 171 7.87 -9.27 19.37
N LEU A 172 6.98 -9.16 20.36
CA LEU A 172 5.65 -8.58 20.12
C LEU A 172 5.46 -7.28 20.84
N ASP A 173 5.55 -6.15 20.14
CA ASP A 173 5.36 -4.85 20.77
C ASP A 173 3.88 -4.56 20.94
N GLU A 174 3.43 -4.59 22.21
CA GLU A 174 2.05 -4.37 22.66
C GLU A 174 1.01 -5.12 21.82
N PRO A 175 1.04 -6.47 21.90
CA PRO A 175 0.08 -7.25 21.10
C PRO A 175 -1.38 -7.09 21.48
N ASP A 176 -1.67 -6.74 22.74
CA ASP A 176 -3.06 -6.58 23.19
C ASP A 176 -3.62 -5.16 23.04
N SER A 177 -2.77 -4.17 22.78
CA SER A 177 -3.23 -2.80 22.57
C SER A 177 -3.28 -2.54 21.07
N GLY A 178 -4.27 -1.78 20.63
CA GLY A 178 -4.47 -1.54 19.21
C GLY A 178 -5.50 -2.48 18.60
N ILE A 179 -5.80 -3.61 19.29
CA ILE A 179 -6.84 -4.56 18.90
C ILE A 179 -8.13 -4.34 19.75
N ASP A 180 -8.05 -3.49 20.84
CA ASP A 180 -9.11 -3.14 21.78
C ASP A 180 -9.71 -4.42 22.37
N ILE A 181 -8.81 -5.24 22.90
CA ILE A 181 -9.05 -6.56 23.45
C ILE A 181 -10.31 -6.67 24.35
N VAL A 182 -11.13 -7.67 24.02
CA VAL A 182 -12.37 -8.00 24.72
C VAL A 182 -12.01 -8.76 26.00
N SER A 183 -11.12 -9.77 25.88
CA SER A 183 -10.66 -10.60 26.98
C SER A 183 -9.29 -11.23 26.69
N PHE A 184 -8.50 -11.49 27.74
CA PHE A 184 -7.17 -12.11 27.60
C PHE A 184 -7.25 -13.55 27.10
N ASP A 185 -8.42 -14.20 27.16
CA ASP A 185 -8.58 -15.57 26.66
C ASP A 185 -8.37 -15.63 25.14
N GLU A 186 -8.65 -14.53 24.41
CA GLU A 186 -8.43 -14.52 22.98
C GLU A 186 -6.94 -14.36 22.63
N ILE A 187 -6.20 -13.55 23.41
CA ILE A 187 -4.76 -13.39 23.15
C ILE A 187 -3.97 -14.62 23.68
N LYS A 188 -4.43 -15.21 24.80
CA LYS A 188 -3.85 -16.40 25.40
C LYS A 188 -3.95 -17.57 24.44
N ARG A 189 -5.06 -17.68 23.71
CA ARG A 189 -5.24 -18.77 22.73
C ARG A 189 -4.22 -18.70 21.59
N VAL A 190 -3.76 -17.50 21.24
CA VAL A 190 -2.75 -17.30 20.21
C VAL A 190 -1.36 -17.58 20.81
N PHE A 191 -1.10 -17.04 22.00
CA PHE A 191 0.18 -17.21 22.70
C PHE A 191 0.49 -18.68 22.98
N ASP A 192 -0.51 -19.45 23.43
CA ASP A 192 -0.39 -20.88 23.72
C ASP A 192 -0.17 -21.67 22.44
N TYR A 193 -0.79 -21.25 21.32
CA TYR A 193 -0.63 -21.92 20.04
C TYR A 193 0.82 -21.81 19.58
N LEU A 194 1.40 -20.61 19.70
CA LEU A 194 2.79 -20.40 19.29
C LEU A 194 3.72 -21.16 20.23
N LYS A 195 3.45 -21.14 21.53
CA LYS A 195 4.24 -21.83 22.53
C LYS A 195 4.25 -23.35 22.26
N ASP A 196 3.09 -23.93 21.90
CA ASP A 196 3.00 -25.37 21.62
C ASP A 196 3.81 -25.78 20.38
N LYS A 197 4.00 -24.84 19.43
CA LYS A 197 4.78 -25.06 18.22
C LYS A 197 6.31 -24.98 18.45
N GLY A 198 6.74 -24.46 19.60
CA GLY A 198 8.16 -24.34 19.94
C GLY A 198 8.71 -22.92 19.91
N CYS A 199 7.83 -21.92 19.76
CA CYS A 199 8.26 -20.53 19.70
C CYS A 199 8.53 -19.94 21.06
N SER A 200 9.40 -18.92 21.08
CA SER A 200 9.66 -18.11 22.26
C SER A 200 9.10 -16.72 21.95
N LEU A 201 8.38 -16.12 22.90
CA LEU A 201 7.79 -14.81 22.67
C LEU A 201 8.41 -13.81 23.61
N LEU A 202 8.76 -12.62 23.10
CA LEU A 202 9.28 -11.54 23.92
C LEU A 202 8.20 -10.49 23.88
N VAL A 203 7.19 -10.66 24.71
CA VAL A 203 6.02 -9.80 24.74
C VAL A 203 6.27 -8.50 25.47
N ILE A 204 6.24 -7.39 24.75
CA ILE A 204 6.45 -6.07 25.36
C ILE A 204 5.06 -5.52 25.72
N THR A 205 4.82 -5.16 27.00
CA THR A 205 3.52 -4.64 27.41
C THR A 205 3.59 -3.69 28.63
N HIS A 206 2.60 -2.79 28.77
CA HIS A 206 2.47 -1.91 29.94
C HIS A 206 1.42 -2.50 30.92
N ARG A 207 0.51 -3.39 30.43
CA ARG A 207 -0.59 -4.03 31.16
C ARG A 207 -0.08 -5.19 31.99
N GLU A 208 -0.04 -5.02 33.32
CA GLU A 208 0.39 -6.03 34.30
C GLU A 208 -0.51 -7.29 34.24
N GLU A 209 -1.79 -7.12 33.89
CA GLU A 209 -2.74 -8.21 33.77
C GLU A 209 -2.34 -9.17 32.64
N LEU A 210 -1.78 -8.65 31.53
CA LEU A 210 -1.34 -9.46 30.40
C LEU A 210 -0.08 -10.26 30.75
N ALA A 211 0.82 -9.64 31.51
CA ALA A 211 2.08 -10.27 31.89
C ALA A 211 1.91 -11.47 32.80
N GLU A 212 0.83 -11.55 33.58
CA GLU A 212 0.61 -12.69 34.49
C GLU A 212 0.41 -14.03 33.77
N HIS A 213 0.00 -13.99 32.48
CA HIS A 213 -0.17 -15.18 31.62
C HIS A 213 1.14 -15.67 30.98
N ALA A 214 2.25 -14.92 31.17
CA ALA A 214 3.58 -15.27 30.66
C ALA A 214 4.33 -16.15 31.69
N ASP A 215 5.41 -16.82 31.26
CA ASP A 215 6.18 -17.68 32.16
C ASP A 215 7.08 -16.85 33.08
N ARG A 216 7.75 -15.86 32.51
CA ARG A 216 8.67 -14.97 33.25
C ARG A 216 8.38 -13.51 32.86
N VAL A 217 8.61 -12.55 33.78
CA VAL A 217 8.37 -11.12 33.53
C VAL A 217 9.56 -10.26 33.99
N SER A 218 9.98 -9.28 33.17
CA SER A 218 11.07 -8.38 33.54
C SER A 218 10.55 -6.95 33.55
N LEU A 219 10.81 -6.22 34.63
CA LEU A 219 10.34 -4.85 34.77
C LEU A 219 11.41 -3.86 34.35
N ILE A 220 11.15 -3.10 33.28
CA ILE A 220 12.05 -2.06 32.79
C ILE A 220 11.56 -0.71 33.24
N CYS A 221 12.40 0.00 33.99
CA CYS A 221 12.11 1.33 34.49
C CYS A 221 13.29 2.21 34.10
N ALA A 222 13.06 3.26 33.27
CA ALA A 222 14.07 4.21 32.79
C ALA A 222 15.32 3.55 32.19
N GLY A 223 15.10 2.60 31.30
CA GLY A 223 16.19 1.90 30.62
C GLY A 223 16.97 0.89 31.44
N GLU A 224 16.39 0.41 32.56
CA GLU A 224 17.08 -0.57 33.40
C GLU A 224 16.12 -1.66 33.86
N VAL A 225 16.59 -2.92 33.89
CA VAL A 225 15.75 -4.03 34.35
C VAL A 225 15.85 -4.12 35.88
N ILE A 226 14.86 -3.54 36.58
CA ILE A 226 14.81 -3.49 38.04
C ILE A 226 14.55 -4.88 38.69
N LYS A 227 13.38 -5.50 38.48
CA LYS A 227 13.08 -6.82 39.04
C LYS A 227 12.71 -7.81 37.93
N SER A 228 12.94 -9.09 38.17
CA SER A 228 12.64 -10.12 37.17
C SER A 228 12.34 -11.46 37.83
N GLY A 229 11.55 -12.28 37.14
CA GLY A 229 11.22 -13.62 37.62
C GLY A 229 9.76 -13.98 37.54
N ASP A 230 9.15 -14.26 38.68
CA ASP A 230 7.75 -14.65 38.77
C ASP A 230 6.86 -13.48 38.34
N PRO A 231 5.90 -13.72 37.44
CA PRO A 231 5.03 -12.64 36.97
C PRO A 231 4.24 -11.90 38.07
N LYS A 232 3.79 -12.60 39.12
CA LYS A 232 3.04 -12.01 40.25
C LYS A 232 3.94 -11.23 41.25
N GLU A 233 5.18 -11.71 41.47
CA GLU A 233 6.12 -11.01 42.37
C GLU A 233 6.58 -9.69 41.75
N VAL A 234 7.06 -9.73 40.50
CA VAL A 234 7.50 -8.52 39.81
C VAL A 234 6.30 -7.60 39.49
N GLY A 235 5.10 -8.18 39.34
CA GLY A 235 3.86 -7.44 39.14
C GLY A 235 3.49 -6.66 40.40
N GLU A 236 3.66 -7.26 41.59
CA GLU A 236 3.39 -6.57 42.87
C GLU A 236 4.38 -5.40 43.10
N PHE A 237 5.61 -5.56 42.61
CA PHE A 237 6.61 -4.51 42.73
C PHE A 237 6.31 -3.34 41.78
N TYR A 238 5.75 -3.64 40.57
CA TYR A 238 5.35 -2.67 39.53
C TYR A 238 4.19 -1.80 40.01
N LYS A 239 3.25 -2.38 40.79
CA LYS A 239 2.11 -1.65 41.37
C LYS A 239 2.57 -0.61 42.41
N LYS A 240 3.71 -0.85 43.08
CA LYS A 240 4.18 0.06 44.12
C LYS A 240 5.30 1.00 43.67
N GLU A 241 6.37 0.48 43.07
CA GLU A 241 7.53 1.28 42.69
C GLU A 241 7.45 1.89 41.28
N CYS A 242 8.05 3.09 41.09
CA CYS A 242 8.11 3.73 39.78
C CYS A 242 9.40 4.53 39.63
N LYS B 28 -22.14 -9.46 -29.10
CA LYS B 28 -21.24 -9.97 -28.05
C LYS B 28 -20.91 -8.93 -26.96
N GLY B 29 -21.56 -7.76 -26.99
CA GLY B 29 -21.32 -6.68 -26.04
C GLY B 29 -21.16 -5.35 -26.73
N PRO B 30 -21.65 -4.25 -26.12
CA PRO B 30 -21.54 -2.93 -26.76
C PRO B 30 -20.08 -2.44 -26.79
N ARG B 31 -19.40 -2.60 -27.92
CA ARG B 31 -17.98 -2.26 -28.01
C ARG B 31 -17.61 -1.43 -29.27
N ILE B 32 -16.43 -0.76 -29.22
CA ILE B 32 -15.87 0.02 -30.34
C ILE B 32 -14.46 -0.50 -30.60
N ILE B 33 -14.27 -1.24 -31.70
CA ILE B 33 -12.97 -1.82 -32.02
C ILE B 33 -12.20 -0.98 -33.04
N VAL B 34 -10.92 -0.68 -32.74
CA VAL B 34 -10.03 0.09 -33.63
C VAL B 34 -8.70 -0.64 -33.80
N LYS B 35 -8.53 -1.34 -34.92
CA LYS B 35 -7.28 -2.03 -35.21
C LYS B 35 -6.54 -1.15 -36.22
N GLU B 36 -5.29 -0.74 -35.90
CA GLU B 36 -4.48 0.17 -36.72
C GLU B 36 -5.14 1.59 -36.65
N SER B 37 -5.27 2.32 -37.77
CA SER B 37 -5.95 3.63 -37.76
C SER B 37 -7.33 3.52 -38.42
N ARG B 38 -7.96 2.32 -38.42
CA ARG B 38 -9.27 2.10 -39.02
C ARG B 38 -10.27 1.58 -37.99
N ILE B 39 -11.55 1.96 -38.14
CA ILE B 39 -12.59 1.45 -37.25
C ILE B 39 -12.96 0.07 -37.76
N ILE B 40 -12.92 -0.94 -36.88
CA ILE B 40 -13.29 -2.30 -37.28
C ILE B 40 -14.79 -2.49 -37.03
N ASP B 41 -15.29 -2.04 -35.87
CA ASP B 41 -16.72 -2.14 -35.56
C ASP B 41 -17.26 -0.99 -34.72
N VAL B 42 -18.52 -0.61 -34.99
CA VAL B 42 -19.27 0.46 -34.31
C VAL B 42 -20.72 0.02 -34.05
N GLN B 43 -20.97 -0.61 -32.90
CA GLN B 43 -22.32 -1.07 -32.56
C GLN B 43 -22.80 -0.54 -31.22
N GLY B 44 -23.97 0.10 -31.23
CA GLY B 44 -24.60 0.67 -30.05
C GLY B 44 -25.97 0.08 -29.76
N ASP B 45 -26.25 -0.23 -28.50
CA ASP B 45 -27.51 -0.83 -28.06
C ASP B 45 -28.63 0.22 -27.79
N GLU B 46 -29.79 -0.22 -27.22
CA GLU B 46 -30.93 0.64 -26.91
C GLU B 46 -30.56 1.63 -25.80
N GLY B 47 -30.73 2.92 -26.05
CA GLY B 47 -30.42 3.96 -25.06
C GLY B 47 -28.96 4.37 -24.99
N ILE B 48 -28.13 3.85 -25.89
CA ILE B 48 -26.72 4.15 -25.96
C ILE B 48 -26.32 4.32 -27.44
N ILE B 49 -26.40 5.57 -27.94
CA ILE B 49 -26.10 5.92 -29.34
C ILE B 49 -24.61 5.95 -29.61
N LEU B 50 -24.12 5.04 -30.46
CA LEU B 50 -22.70 5.01 -30.78
C LEU B 50 -22.46 5.35 -32.24
N GLU B 51 -22.02 6.60 -32.51
CA GLU B 51 -21.72 7.05 -33.86
C GLU B 51 -20.22 6.99 -34.10
N GLY B 52 -19.81 6.70 -35.33
CA GLY B 52 -18.40 6.60 -35.67
C GLY B 52 -18.16 6.75 -37.14
N LYS B 53 -17.13 7.54 -37.48
CA LYS B 53 -16.77 7.81 -38.86
C LYS B 53 -15.25 8.03 -38.99
N GLU B 54 -14.73 7.92 -40.22
CA GLU B 54 -13.32 8.12 -40.46
C GLU B 54 -13.08 9.22 -41.48
N GLU B 55 -12.14 10.10 -41.16
CA GLU B 55 -11.72 11.21 -42.03
C GLU B 55 -10.25 10.94 -42.45
N ASP B 56 -9.97 9.67 -42.83
CA ASP B 56 -8.67 9.12 -43.25
C ASP B 56 -7.59 9.27 -42.18
N GLY B 57 -7.59 8.35 -41.22
CA GLY B 57 -6.63 8.38 -40.13
C GLY B 57 -7.24 8.93 -38.86
N LYS B 58 -8.11 9.94 -38.98
CA LYS B 58 -8.80 10.56 -37.85
C LYS B 58 -10.15 9.88 -37.62
N ILE B 59 -10.42 9.40 -36.41
CA ILE B 59 -11.68 8.75 -36.12
C ILE B 59 -12.57 9.67 -35.32
N LYS B 60 -13.79 9.91 -35.78
CA LYS B 60 -14.72 10.78 -35.08
C LYS B 60 -15.83 9.97 -34.42
N ALA B 61 -15.73 9.77 -33.10
CA ALA B 61 -16.75 9.02 -32.38
C ALA B 61 -17.64 9.93 -31.54
N LYS B 62 -18.86 9.48 -31.24
CA LYS B 62 -19.81 10.23 -30.43
C LYS B 62 -20.71 9.24 -29.70
N ILE B 63 -20.57 9.17 -28.38
CA ILE B 63 -21.35 8.26 -27.54
C ILE B 63 -22.39 9.06 -26.78
N ILE B 64 -23.67 8.66 -26.86
CA ILE B 64 -24.74 9.37 -26.17
C ILE B 64 -25.55 8.43 -25.30
N VAL B 65 -25.50 8.62 -23.98
CA VAL B 65 -26.26 7.80 -23.06
C VAL B 65 -27.57 8.53 -22.78
N LYS B 66 -28.70 7.89 -23.13
CA LYS B 66 -30.04 8.47 -23.01
C LYS B 66 -30.51 8.64 -21.56
N LYS B 67 -31.36 9.67 -21.33
CA LYS B 67 -31.94 10.05 -20.03
C LYS B 67 -32.64 8.91 -19.29
N GLY B 68 -32.06 8.51 -18.18
CA GLY B 68 -32.61 7.44 -17.36
C GLY B 68 -31.93 6.10 -17.54
N TYR B 69 -31.18 5.92 -18.63
CA TYR B 69 -30.51 4.65 -18.90
C TYR B 69 -29.28 4.41 -18.04
N LYS B 70 -29.40 3.51 -17.07
CA LYS B 70 -28.30 3.16 -16.19
C LYS B 70 -27.78 1.76 -16.52
N PHE B 71 -26.78 1.65 -17.41
CA PHE B 71 -26.21 0.36 -17.79
C PHE B 71 -25.15 -0.05 -16.77
N LYS B 72 -25.38 -1.10 -15.96
CA LYS B 72 -24.38 -1.50 -14.96
C LYS B 72 -23.26 -2.39 -15.53
N TYR B 73 -23.45 -2.93 -16.74
CA TYR B 73 -22.43 -3.77 -17.38
C TYR B 73 -21.50 -2.93 -18.25
N PRO B 74 -20.19 -3.12 -18.12
CA PRO B 74 -19.25 -2.24 -18.81
C PRO B 74 -19.10 -2.37 -20.32
N ILE B 75 -19.06 -1.22 -20.98
CA ILE B 75 -18.85 -1.07 -22.41
C ILE B 75 -17.34 -1.23 -22.69
N HIS B 76 -16.95 -1.80 -23.86
CA HIS B 76 -15.54 -1.96 -24.18
C HIS B 76 -15.08 -1.05 -25.31
N MET B 77 -13.77 -0.85 -25.42
CA MET B 77 -13.18 0.01 -26.46
C MET B 77 -11.76 -0.49 -26.69
N CYS B 78 -11.58 -1.40 -27.67
CA CYS B 78 -10.27 -1.98 -27.92
C CYS B 78 -9.47 -1.24 -29.00
N PHE B 79 -8.17 -1.05 -28.73
CA PHE B 79 -7.23 -0.38 -29.63
C PHE B 79 -6.01 -1.27 -29.82
N GLY B 80 -5.89 -1.87 -30.99
CA GLY B 80 -4.76 -2.73 -31.28
C GLY B 80 -3.87 -2.13 -32.35
N ILE B 81 -2.54 -2.18 -32.15
CA ILE B 81 -1.58 -1.68 -33.14
C ILE B 81 -0.40 -2.64 -33.32
N THR B 82 -0.36 -3.30 -34.49
CA THR B 82 0.70 -4.24 -34.83
C THR B 82 1.56 -3.77 -36.04
N GLU B 83 1.11 -2.73 -36.78
CA GLU B 83 1.81 -2.18 -37.94
C GLU B 83 2.78 -1.08 -37.52
N GLU B 84 3.84 -0.90 -38.32
CA GLU B 84 4.82 0.14 -38.07
C GLU B 84 4.28 1.50 -38.54
N ASN B 85 4.62 2.57 -37.82
CA ASN B 85 4.22 3.95 -38.12
C ASN B 85 2.69 4.14 -38.23
N ILE B 86 1.97 3.93 -37.13
CA ILE B 86 0.52 4.09 -37.10
C ILE B 86 0.17 5.31 -36.24
N SER B 87 -0.67 6.22 -36.76
CA SER B 87 -1.10 7.38 -35.99
C SER B 87 -2.60 7.26 -35.75
N GLN B 88 -2.95 6.54 -34.67
CA GLN B 88 -4.30 6.25 -34.21
C GLN B 88 -4.88 7.49 -33.50
N ILE B 89 -5.36 8.49 -34.28
CA ILE B 89 -5.94 9.70 -33.69
C ILE B 89 -7.45 9.59 -33.60
N ILE B 90 -7.98 9.61 -32.38
CA ILE B 90 -9.41 9.47 -32.16
C ILE B 90 -9.99 10.65 -31.38
N ASP B 91 -10.94 11.34 -32.01
CA ASP B 91 -11.66 12.45 -31.40
C ASP B 91 -13.03 11.89 -30.99
N VAL B 92 -13.28 11.77 -29.68
CA VAL B 92 -14.55 11.21 -29.21
C VAL B 92 -15.29 12.18 -28.29
N GLU B 93 -16.61 12.18 -28.34
CA GLU B 93 -17.41 13.03 -27.48
C GLU B 93 -18.38 12.12 -26.74
N ILE B 94 -18.31 12.12 -25.41
CA ILE B 94 -19.19 11.27 -24.61
C ILE B 94 -20.17 12.15 -23.84
N ILE B 95 -21.47 11.99 -24.13
CA ILE B 95 -22.51 12.79 -23.47
C ILE B 95 -23.42 11.88 -22.67
N LEU B 96 -23.63 12.18 -21.41
CA LEU B 96 -24.51 11.41 -20.56
C LEU B 96 -25.67 12.29 -20.16
N GLU B 97 -26.90 11.92 -20.51
CA GLU B 97 -28.07 12.73 -20.15
C GLU B 97 -28.50 12.50 -18.69
N GLU B 98 -29.39 13.38 -18.17
CA GLU B 98 -29.89 13.35 -16.79
C GLU B 98 -30.25 11.95 -16.31
N ASP B 99 -29.71 11.56 -15.13
CA ASP B 99 -29.94 10.28 -14.46
C ASP B 99 -29.41 9.05 -15.21
N SER B 100 -28.50 9.21 -16.18
CA SER B 100 -27.94 8.06 -16.91
C SER B 100 -26.66 7.50 -16.24
N SER B 101 -26.17 6.32 -16.67
CA SER B 101 -24.99 5.72 -16.07
C SER B 101 -24.27 4.82 -17.06
N ILE B 102 -22.94 4.92 -17.15
CA ILE B 102 -22.16 4.08 -18.06
C ILE B 102 -20.72 3.89 -17.55
N SER B 103 -20.13 2.72 -17.83
CA SER B 103 -18.76 2.44 -17.45
C SER B 103 -18.05 1.98 -18.70
N LEU B 104 -16.94 2.63 -19.04
CA LEU B 104 -16.16 2.35 -20.24
C LEU B 104 -14.82 1.72 -19.86
N MET B 105 -14.50 0.58 -20.45
CA MET B 105 -13.25 -0.11 -20.19
C MET B 105 -12.41 -0.16 -21.46
N SER B 106 -11.51 0.80 -21.62
CA SER B 106 -10.64 0.90 -22.79
C SER B 106 -9.42 0.00 -22.62
N HIS B 107 -9.05 -0.74 -23.68
CA HIS B 107 -7.90 -1.64 -23.65
C HIS B 107 -6.95 -1.33 -24.81
N CYS B 108 -5.66 -1.11 -24.49
CA CYS B 108 -4.69 -0.82 -25.54
C CYS B 108 -3.62 -1.91 -25.60
N SER B 109 -3.48 -2.55 -26.76
CA SER B 109 -2.47 -3.59 -26.93
C SER B 109 -1.52 -3.19 -28.05
N PHE B 110 -0.32 -2.71 -27.70
CA PHE B 110 0.69 -2.28 -28.67
C PHE B 110 1.96 -3.11 -28.45
N PRO B 111 2.00 -4.36 -28.94
CA PRO B 111 3.18 -5.21 -28.70
C PRO B 111 4.38 -4.99 -29.64
N LYS B 112 4.14 -4.58 -30.90
CA LYS B 112 5.22 -4.35 -31.86
C LYS B 112 5.99 -3.07 -31.51
N GLY B 113 5.24 -2.02 -31.18
CA GLY B 113 5.73 -0.72 -30.72
C GLY B 113 6.70 0.11 -31.54
N LYS B 114 6.74 -0.06 -32.87
CA LYS B 114 7.64 0.72 -33.71
C LYS B 114 6.91 1.79 -34.49
N GLY B 115 7.11 3.04 -34.11
CA GLY B 115 6.49 4.19 -34.78
C GLY B 115 5.04 4.46 -34.42
N ILE B 116 4.52 3.78 -33.39
CA ILE B 116 3.14 3.91 -32.90
C ILE B 116 2.85 5.29 -32.29
N LYS B 117 1.60 5.74 -32.42
CA LYS B 117 1.14 6.99 -31.83
C LYS B 117 -0.35 6.88 -31.59
N HIS B 118 -0.76 6.67 -30.35
CA HIS B 118 -2.17 6.59 -30.01
C HIS B 118 -2.55 7.94 -29.41
N ILE B 119 -3.34 8.75 -30.13
CA ILE B 119 -3.74 10.05 -29.62
C ILE B 119 -5.25 10.07 -29.44
N MET B 120 -5.72 10.37 -28.22
CA MET B 120 -7.15 10.44 -27.99
C MET B 120 -7.50 11.81 -27.48
N ASN B 121 -8.44 12.48 -28.13
CA ASN B 121 -8.88 13.79 -27.72
C ASN B 121 -10.35 13.62 -27.40
N GLY B 122 -10.71 13.80 -26.14
CA GLY B 122 -12.08 13.60 -25.71
C GLY B 122 -12.75 14.75 -25.00
N ILE B 123 -14.05 14.85 -25.18
CA ILE B 123 -14.88 15.85 -24.51
C ILE B 123 -15.98 15.05 -23.83
N ILE B 124 -16.01 15.05 -22.50
CA ILE B 124 -17.00 14.33 -21.73
C ILE B 124 -17.93 15.29 -21.04
N LYS B 125 -19.23 15.13 -21.22
CA LYS B 125 -20.23 15.99 -20.62
C LYS B 125 -21.20 15.13 -19.83
N ILE B 126 -21.12 15.18 -18.50
CA ILE B 126 -21.92 14.39 -17.58
C ILE B 126 -23.09 15.25 -17.07
N GLY B 127 -24.31 14.81 -17.37
CA GLY B 127 -25.52 15.53 -17.01
C GLY B 127 -25.93 15.45 -15.55
N LYS B 128 -27.04 16.11 -15.21
CA LYS B 128 -27.57 16.16 -13.86
C LYS B 128 -27.84 14.76 -13.31
N ASN B 129 -27.12 14.37 -12.24
CA ASN B 129 -27.22 13.07 -11.57
C ASN B 129 -26.82 11.88 -12.46
N ALA B 130 -25.91 12.12 -13.43
CA ALA B 130 -25.40 11.07 -14.30
C ALA B 130 -24.07 10.51 -13.75
N LYS B 131 -23.65 9.32 -14.18
CA LYS B 131 -22.41 8.71 -13.67
C LYS B 131 -21.57 8.09 -14.77
N PHE B 132 -20.32 8.58 -14.93
CA PHE B 132 -19.40 8.03 -15.91
C PHE B 132 -18.15 7.48 -15.22
N SER B 133 -17.71 6.32 -15.67
CA SER B 133 -16.53 5.66 -15.13
C SER B 133 -15.67 5.20 -16.29
N TYR B 134 -14.38 5.47 -16.26
CA TYR B 134 -13.46 5.13 -17.33
C TYR B 134 -12.25 4.39 -16.77
N ASN B 135 -11.88 3.27 -17.40
CA ASN B 135 -10.73 2.49 -16.96
C ASN B 135 -9.90 2.12 -18.17
N GLU B 136 -8.68 2.65 -18.29
CA GLU B 136 -7.82 2.35 -19.43
C GLU B 136 -6.59 1.59 -19.03
N PHE B 137 -6.38 0.42 -19.64
CA PHE B 137 -5.22 -0.40 -19.35
C PHE B 137 -4.36 -0.54 -20.59
N HIS B 138 -3.03 -0.54 -20.41
CA HIS B 138 -2.11 -0.66 -21.54
C HIS B 138 -1.21 -1.86 -21.40
N TYR B 139 -0.98 -2.55 -22.50
CA TYR B 139 -0.09 -3.70 -22.56
C TYR B 139 0.83 -3.40 -23.73
N HIS B 140 2.10 -3.12 -23.44
CA HIS B 140 3.05 -2.75 -24.49
C HIS B 140 4.19 -3.74 -24.60
N GLY B 141 4.93 -3.64 -25.71
CA GLY B 141 6.12 -4.45 -25.93
C GLY B 141 7.34 -3.84 -25.27
N MET B 142 8.54 -4.39 -25.57
CA MET B 142 9.76 -3.89 -24.93
C MET B 142 10.47 -2.77 -25.71
N ASP B 143 9.88 -2.28 -26.82
CA ASP B 143 10.47 -1.14 -27.51
C ASP B 143 9.62 0.10 -27.23
N GLY B 144 10.29 1.19 -26.89
CA GLY B 144 9.65 2.43 -26.47
C GLY B 144 9.39 3.50 -27.52
N ASP B 145 9.11 3.11 -28.77
CA ASP B 145 8.77 4.10 -29.80
C ASP B 145 7.24 4.20 -29.90
N ILE B 146 6.60 4.39 -28.76
CA ILE B 146 5.15 4.51 -28.61
C ILE B 146 4.86 5.85 -27.95
N LEU B 147 3.80 6.52 -28.39
CA LEU B 147 3.39 7.76 -27.75
C LEU B 147 1.91 7.71 -27.45
N VAL B 148 1.54 7.54 -26.17
CA VAL B 148 0.14 7.50 -25.76
C VAL B 148 -0.22 8.91 -25.30
N LYS B 149 -1.13 9.60 -26.01
CA LYS B 149 -1.46 10.98 -25.66
C LYS B 149 -2.95 11.25 -25.49
N PRO B 150 -3.49 10.99 -24.29
CA PRO B 150 -4.90 11.33 -24.04
C PRO B 150 -5.08 12.77 -23.54
N THR B 151 -6.05 13.50 -24.09
CA THR B 151 -6.41 14.85 -23.67
C THR B 151 -7.90 14.77 -23.40
N VAL B 152 -8.32 14.93 -22.14
CA VAL B 152 -9.73 14.77 -21.79
C VAL B 152 -10.33 15.98 -21.08
N LYS B 153 -11.35 16.60 -21.68
CA LYS B 153 -12.05 17.72 -21.05
C LYS B 153 -13.33 17.15 -20.47
N VAL B 154 -13.61 17.36 -19.19
CA VAL B 154 -14.80 16.81 -18.53
C VAL B 154 -15.64 17.92 -17.92
N GLU B 155 -16.94 17.92 -18.18
CA GLU B 155 -17.86 18.91 -17.64
C GLU B 155 -18.91 18.16 -16.87
N ILE B 156 -19.00 18.38 -15.57
CA ILE B 156 -19.92 17.65 -14.71
C ILE B 156 -21.03 18.54 -14.15
N ASP B 157 -22.29 18.18 -14.40
CA ASP B 157 -23.43 18.94 -13.92
C ASP B 157 -23.81 18.58 -12.47
N GLU B 158 -24.79 19.31 -11.90
CA GLU B 158 -25.27 19.08 -10.54
C GLU B 158 -25.59 17.63 -10.24
N GLY B 159 -24.83 17.04 -9.34
CA GLY B 159 -25.01 15.66 -8.90
C GLY B 159 -24.27 14.59 -9.69
N GLY B 160 -23.51 15.01 -10.71
CA GLY B 160 -22.76 14.09 -11.57
C GLY B 160 -21.58 13.41 -10.91
N ILE B 161 -21.10 12.30 -11.52
CA ILE B 161 -19.97 11.52 -10.98
C ILE B 161 -18.98 11.14 -12.09
N TYR B 162 -17.69 11.37 -11.86
CA TYR B 162 -16.66 11.00 -12.82
C TYR B 162 -15.60 10.18 -12.13
N ILE B 163 -15.32 8.98 -12.65
CA ILE B 163 -14.29 8.09 -12.11
C ILE B 163 -13.36 7.75 -13.25
N SER B 164 -12.07 8.01 -13.11
CA SER B 164 -11.10 7.77 -14.17
C SER B 164 -9.91 7.00 -13.63
N ASN B 165 -9.42 6.03 -14.40
CA ASN B 165 -8.29 5.21 -13.99
C ASN B 165 -7.40 4.91 -15.18
N PHE B 166 -6.15 5.38 -15.17
CA PHE B 166 -5.22 5.09 -16.26
C PHE B 166 -4.09 4.24 -15.71
N THR B 167 -3.88 3.06 -16.28
CA THR B 167 -2.83 2.16 -15.81
C THR B 167 -1.90 1.75 -16.93
N LEU B 168 -0.61 2.05 -16.77
CA LEU B 168 0.41 1.69 -17.77
C LEU B 168 1.57 1.08 -17.01
N THR B 169 1.50 -0.21 -16.73
CA THR B 169 2.55 -0.90 -15.97
C THR B 169 3.14 -2.13 -16.70
N LYS B 170 2.70 -2.39 -17.95
CA LYS B 170 3.12 -3.54 -18.76
C LYS B 170 3.97 -3.14 -19.96
N GLY B 171 5.22 -3.60 -19.97
CA GLY B 171 6.16 -3.29 -21.04
C GLY B 171 6.70 -1.88 -20.93
N ARG B 172 7.24 -1.36 -22.04
CA ARG B 172 7.76 0.00 -22.06
C ARG B 172 6.62 0.97 -22.39
N ILE B 173 6.43 2.00 -21.56
CA ILE B 173 5.41 3.00 -21.79
C ILE B 173 5.70 3.77 -23.09
N GLY B 174 6.95 4.16 -23.26
CA GLY B 174 7.41 4.99 -24.36
C GLY B 174 7.36 6.41 -23.87
N THR B 175 6.36 7.17 -24.35
CA THR B 175 6.16 8.52 -23.87
C THR B 175 4.68 8.69 -23.57
N LEU B 176 4.35 8.94 -22.31
CA LEU B 176 2.97 9.13 -21.89
C LEU B 176 2.74 10.62 -21.71
N ASP B 177 1.63 11.13 -22.25
CA ASP B 177 1.30 12.55 -22.10
C ASP B 177 -0.20 12.66 -21.81
N ILE B 178 -0.59 12.59 -20.53
CA ILE B 178 -1.99 12.70 -20.13
C ILE B 178 -2.30 14.13 -19.76
N GLU B 179 -3.41 14.65 -20.23
CA GLU B 179 -3.84 15.99 -19.90
C GLU B 179 -5.33 15.96 -19.64
N GLN B 180 -5.78 16.36 -18.46
CA GLN B 180 -7.21 16.36 -18.13
C GLN B 180 -7.62 17.68 -17.51
N GLU B 181 -8.83 18.14 -17.81
CA GLU B 181 -9.38 19.34 -17.20
C GLU B 181 -10.83 19.04 -16.90
N ILE B 182 -11.19 19.02 -15.62
CA ILE B 182 -12.53 18.70 -15.14
C ILE B 182 -13.18 19.94 -14.50
N ILE B 183 -14.42 20.26 -14.88
CA ILE B 183 -15.15 21.39 -14.31
C ILE B 183 -16.34 20.78 -13.61
N ALA B 184 -16.50 21.02 -12.32
CA ALA B 184 -17.59 20.41 -11.57
C ALA B 184 -18.56 21.39 -10.98
N LYS B 185 -19.85 21.08 -11.07
CA LYS B 185 -20.93 21.89 -10.50
C LYS B 185 -21.43 21.28 -9.16
N LYS B 186 -22.49 21.86 -8.56
CA LYS B 186 -23.09 21.46 -7.28
C LYS B 186 -23.16 19.94 -7.07
N ASP B 187 -22.70 19.46 -5.92
CA ASP B 187 -22.77 18.05 -5.51
C ASP B 187 -22.09 17.02 -6.44
N ALA B 188 -21.11 17.44 -7.25
CA ALA B 188 -20.40 16.51 -8.13
C ALA B 188 -19.36 15.70 -7.35
N ILE B 189 -18.96 14.54 -7.88
CA ILE B 189 -17.96 13.70 -7.24
C ILE B 189 -16.95 13.25 -8.30
N ILE B 190 -15.66 13.49 -8.06
CA ILE B 190 -14.61 13.13 -9.00
C ILE B 190 -13.57 12.25 -8.30
N ASP B 191 -13.17 11.16 -8.95
CA ASP B 191 -12.15 10.25 -8.45
C ASP B 191 -11.25 9.91 -9.64
N ILE B 192 -10.03 10.47 -9.69
CA ILE B 192 -9.09 10.24 -10.79
C ILE B 192 -7.86 9.50 -10.24
N THR B 193 -7.43 8.42 -10.91
CA THR B 193 -6.28 7.63 -10.46
C THR B 193 -5.31 7.32 -11.59
N THR B 194 -4.01 7.26 -11.29
CA THR B 194 -3.00 6.95 -12.29
C THR B 194 -2.01 5.94 -11.69
N ARG B 195 -1.80 4.79 -12.34
CA ARG B 195 -0.82 3.81 -11.86
C ARG B 195 0.18 3.60 -13.00
N THR B 196 1.45 4.01 -12.83
CA THR B 196 2.45 3.88 -13.89
C THR B 196 3.72 3.18 -13.46
N TYR B 197 4.36 2.49 -14.39
CA TYR B 197 5.61 1.82 -14.14
C TYR B 197 6.56 2.15 -15.26
N ALA B 198 7.42 3.17 -15.05
CA ALA B 198 8.36 3.63 -16.05
C ALA B 198 9.71 2.96 -15.95
N ILE B 199 10.19 2.42 -17.09
CA ILE B 199 11.45 1.70 -17.22
C ILE B 199 12.27 2.24 -18.40
N LYS B 200 13.55 1.82 -18.52
CA LYS B 200 14.47 2.21 -19.60
C LYS B 200 14.48 3.76 -19.77
N GLU B 201 14.21 4.32 -20.97
CA GLU B 201 14.21 5.76 -21.16
C GLU B 201 12.80 6.32 -21.28
N ASP B 202 11.83 5.71 -20.57
CA ASP B 202 10.43 6.13 -20.58
C ASP B 202 10.23 7.55 -20.10
N VAL B 203 9.23 8.23 -20.65
CA VAL B 203 8.90 9.57 -20.22
C VAL B 203 7.43 9.57 -19.85
N VAL B 204 7.09 10.02 -18.62
CA VAL B 204 5.72 10.11 -18.15
C VAL B 204 5.39 11.56 -17.84
N LYS B 205 4.32 12.08 -18.45
CA LYS B 205 3.87 13.43 -18.23
C LYS B 205 2.39 13.36 -17.88
N VAL B 206 2.01 13.84 -16.70
CA VAL B 206 0.60 13.83 -16.28
C VAL B 206 0.23 15.23 -15.84
N ASN B 207 -0.77 15.82 -16.46
CA ASN B 207 -1.18 17.18 -16.14
C ASN B 207 -2.67 17.17 -15.95
N GLU B 208 -3.14 17.17 -14.71
CA GLU B 208 -4.58 17.14 -14.45
C GLU B 208 -5.03 18.34 -13.66
N VAL B 209 -6.15 18.97 -14.04
CA VAL B 209 -6.69 20.12 -13.33
C VAL B 209 -8.16 19.85 -13.02
N VAL B 210 -8.58 20.01 -11.76
CA VAL B 210 -9.98 19.83 -11.36
C VAL B 210 -10.49 21.12 -10.74
N LYS B 211 -11.53 21.71 -11.32
CA LYS B 211 -12.11 22.94 -10.82
C LYS B 211 -13.45 22.67 -10.15
N LEU B 212 -13.49 22.74 -8.82
CA LEU B 212 -14.72 22.52 -8.05
C LEU B 212 -15.49 23.83 -8.00
N ASN B 213 -16.31 24.06 -9.01
CA ASN B 213 -17.05 25.31 -9.19
C ASN B 213 -18.50 25.31 -8.66
N GLY B 214 -18.89 24.27 -7.92
CA GLY B 214 -20.24 24.21 -7.38
C GLY B 214 -20.27 23.82 -5.92
N GLU B 215 -21.32 24.24 -5.18
CA GLU B 215 -21.45 23.93 -3.75
C GLU B 215 -21.37 22.43 -3.47
N ASN B 216 -20.53 22.01 -2.51
CA ASN B 216 -20.36 20.64 -2.05
C ASN B 216 -19.74 19.68 -3.08
N ALA B 217 -19.09 20.20 -4.14
CA ALA B 217 -18.44 19.34 -5.13
C ALA B 217 -17.19 18.73 -4.52
N LYS B 218 -17.01 17.41 -4.63
CA LYS B 218 -15.87 16.72 -4.01
C LYS B 218 -14.95 16.06 -5.01
N CYS B 219 -13.65 16.06 -4.74
CA CYS B 219 -12.67 15.49 -5.66
C CYS B 219 -11.51 14.79 -4.97
N ILE B 220 -11.04 13.70 -5.60
CA ILE B 220 -9.83 13.03 -5.17
C ILE B 220 -8.98 12.66 -6.39
N ILE B 221 -7.72 13.09 -6.40
CA ILE B 221 -6.77 12.76 -7.43
C ILE B 221 -5.70 11.90 -6.75
N LYS B 222 -5.52 10.67 -7.20
CA LYS B 222 -4.57 9.75 -6.62
C LYS B 222 -3.55 9.34 -7.66
N SER B 223 -2.26 9.44 -7.35
CA SER B 223 -1.21 9.03 -8.27
C SER B 223 -0.30 8.03 -7.58
N ARG B 224 -0.08 6.91 -8.22
CA ARG B 224 0.77 5.84 -7.71
C ARG B 224 1.70 5.41 -8.83
N GLY B 225 2.94 5.05 -8.50
CA GLY B 225 3.89 4.62 -9.51
C GLY B 225 5.32 4.38 -9.08
N ALA B 226 6.12 3.80 -9.99
CA ALA B 226 7.53 3.53 -9.75
C ALA B 226 8.32 3.88 -11.01
N ALA B 227 9.43 4.60 -10.85
CA ALA B 227 10.27 5.00 -11.97
C ALA B 227 11.66 4.42 -11.79
N MET B 228 12.15 3.68 -12.79
CA MET B 228 13.48 3.07 -12.73
C MET B 228 14.35 3.39 -13.95
N ASP B 229 15.61 2.89 -13.98
CA ASP B 229 16.57 3.08 -15.06
C ASP B 229 16.81 4.58 -15.40
N ASN B 230 16.45 5.07 -16.60
CA ASN B 230 16.65 6.48 -16.96
C ASN B 230 15.32 7.18 -17.27
N SER B 231 14.25 6.78 -16.58
CA SER B 231 12.95 7.37 -16.81
C SER B 231 12.81 8.79 -16.27
N LYS B 232 11.85 9.53 -16.81
CA LYS B 232 11.61 10.92 -16.44
C LYS B 232 10.11 11.11 -16.18
N ILE B 233 9.74 11.50 -14.97
CA ILE B 233 8.34 11.68 -14.61
C ILE B 233 8.06 13.14 -14.28
N SER B 234 6.92 13.66 -14.73
CA SER B 234 6.47 15.00 -14.39
C SER B 234 4.98 14.92 -14.08
N LEU B 235 4.60 15.16 -12.83
CA LEU B 235 3.20 15.05 -12.42
C LEU B 235 2.68 16.37 -11.89
N LYS B 236 1.87 17.08 -12.68
CA LYS B 236 1.27 18.35 -12.28
CA LYS B 236 1.27 18.34 -12.28
C LYS B 236 -0.21 18.10 -12.01
N LEU B 237 -0.61 18.04 -10.75
CA LEU B 237 -2.00 17.75 -10.37
C LEU B 237 -2.56 18.96 -9.65
N LYS B 238 -3.70 19.49 -10.09
CA LYS B 238 -4.26 20.72 -9.56
C LYS B 238 -5.72 20.64 -9.13
N ILE B 239 -6.07 21.26 -7.99
CA ILE B 239 -7.46 21.34 -7.54
C ILE B 239 -7.80 22.80 -7.21
N GLU B 240 -8.91 23.31 -7.74
CA GLU B 240 -9.38 24.65 -7.42
C GLU B 240 -10.67 24.53 -6.62
N GLY B 241 -10.66 24.96 -5.37
CA GLY B 241 -11.82 24.95 -4.50
C GLY B 241 -12.46 26.30 -4.57
N ASN B 242 -13.35 26.48 -5.55
CA ASN B 242 -13.98 27.77 -5.84
C ASN B 242 -15.38 28.00 -5.25
N ALA B 243 -15.99 26.99 -4.63
CA ALA B 243 -17.35 27.13 -4.09
C ALA B 243 -17.46 26.65 -2.63
N PRO B 244 -18.48 27.12 -1.87
CA PRO B 244 -18.61 26.67 -0.47
C PRO B 244 -18.87 25.18 -0.36
N TYR B 245 -18.22 24.56 0.63
CA TYR B 245 -18.28 23.16 0.99
C TYR B 245 -17.63 22.22 -0.05
N SER B 246 -16.87 22.77 -1.01
CA SER B 246 -16.16 21.95 -1.98
C SER B 246 -14.91 21.39 -1.31
N LYS B 247 -14.67 20.09 -1.46
CA LYS B 247 -13.53 19.44 -0.83
C LYS B 247 -12.66 18.73 -1.84
N GLY B 248 -11.35 18.76 -1.66
CA GLY B 248 -10.44 18.08 -2.55
C GLY B 248 -9.24 17.46 -1.85
N HIS B 249 -8.71 16.36 -2.41
CA HIS B 249 -7.53 15.72 -1.84
C HIS B 249 -6.67 15.13 -2.90
N ILE B 250 -5.39 15.52 -2.90
CA ILE B 250 -4.41 14.99 -3.85
C ILE B 250 -3.53 14.05 -3.04
N ASP B 251 -3.38 12.82 -3.51
CA ASP B 251 -2.55 11.83 -2.85
C ASP B 251 -1.56 11.38 -3.89
N CYS B 252 -0.27 11.68 -3.72
CA CYS B 252 0.72 11.31 -4.70
C CYS B 252 1.84 10.48 -4.09
N ALA B 253 2.25 9.42 -4.79
CA ALA B 253 3.33 8.57 -4.30
C ALA B 253 4.08 8.02 -5.47
N GLU B 254 5.39 8.25 -5.53
CA GLU B 254 6.20 7.79 -6.65
C GLU B 254 7.54 7.29 -6.18
N ILE B 255 7.86 6.03 -6.44
CA ILE B 255 9.15 5.46 -6.06
C ILE B 255 10.21 5.78 -7.11
N VAL B 256 11.42 6.11 -6.66
CA VAL B 256 12.55 6.40 -7.54
C VAL B 256 13.66 5.36 -7.33
N LYS B 257 14.06 4.71 -8.43
CA LYS B 257 15.15 3.75 -8.43
C LYS B 257 16.07 3.99 -9.63
N GLY B 258 17.34 3.67 -9.48
CA GLY B 258 18.33 3.90 -10.53
C GLY B 258 18.55 5.37 -10.77
N ASN B 259 18.66 5.76 -12.05
CA ASN B 259 18.89 7.16 -12.42
C ASN B 259 17.59 7.90 -12.79
N ALA B 260 16.44 7.42 -12.31
CA ALA B 260 15.16 8.04 -12.65
C ALA B 260 15.04 9.42 -12.03
N GLU B 261 14.29 10.29 -12.70
CA GLU B 261 14.05 11.64 -12.21
C GLU B 261 12.55 11.86 -12.10
N VAL B 262 12.09 12.39 -10.96
CA VAL B 262 10.67 12.66 -10.77
C VAL B 262 10.44 14.11 -10.33
N GLU B 263 9.40 14.73 -10.88
CA GLU B 263 9.05 16.08 -10.51
C GLU B 263 7.56 16.11 -10.20
N SER B 264 7.19 16.48 -8.98
CA SER B 264 5.79 16.53 -8.59
C SER B 264 5.38 17.96 -8.29
N ILE B 265 4.37 18.45 -9.01
CA ILE B 265 3.89 19.82 -8.84
C ILE B 265 2.39 19.83 -8.53
N PRO B 266 2.04 19.69 -7.25
CA PRO B 266 0.62 19.64 -6.89
C PRO B 266 0.04 20.99 -6.45
N ILE B 267 -0.61 21.70 -7.38
CA ILE B 267 -1.18 23.03 -7.10
C ILE B 267 -2.54 23.00 -6.41
N VAL B 268 -2.72 23.84 -5.38
CA VAL B 268 -3.98 23.93 -4.67
C VAL B 268 -4.43 25.39 -4.64
N VAL B 269 -5.59 25.68 -5.21
CA VAL B 269 -6.13 27.05 -5.19
C VAL B 269 -7.44 27.06 -4.42
N VAL B 270 -7.61 27.96 -3.46
CA VAL B 270 -8.86 28.04 -2.69
C VAL B 270 -9.44 29.45 -2.78
N ARG B 271 -10.67 29.57 -3.31
CA ARG B 271 -11.35 30.85 -3.50
C ARG B 271 -12.67 30.98 -2.71
N ASP B 272 -12.86 30.16 -1.66
CA ASP B 272 -14.02 30.21 -0.79
C ASP B 272 -13.62 29.89 0.66
N ASP B 273 -14.17 30.62 1.65
CA ASP B 273 -13.84 30.39 3.07
C ASP B 273 -14.42 29.10 3.64
N LYS B 274 -15.37 28.45 2.93
CA LYS B 274 -15.97 27.18 3.33
C LYS B 274 -15.48 25.99 2.49
N ALA B 275 -14.43 26.18 1.66
CA ALA B 275 -13.81 25.15 0.82
C ALA B 275 -12.54 24.64 1.52
N ARG B 276 -12.20 23.36 1.33
CA ARG B 276 -10.99 22.81 1.97
C ARG B 276 -10.32 21.83 1.06
N ILE B 277 -9.03 22.03 0.78
CA ILE B 277 -8.27 21.11 -0.04
C ILE B 277 -7.03 20.72 0.68
N THR B 278 -6.70 19.44 0.67
CA THR B 278 -5.49 18.93 1.28
C THR B 278 -4.71 18.12 0.27
N HIS B 279 -3.41 18.00 0.46
CA HIS B 279 -2.56 17.23 -0.43
CA HIS B 279 -2.58 17.20 -0.42
C HIS B 279 -1.45 16.55 0.34
N GLU B 280 -1.13 15.33 -0.03
CA GLU B 280 -0.04 14.60 0.59
C GLU B 280 0.76 13.94 -0.52
N ALA B 281 2.09 13.98 -0.43
CA ALA B 281 2.94 13.37 -1.44
C ALA B 281 4.20 12.80 -0.85
N ALA B 282 4.69 11.74 -1.45
CA ALA B 282 5.89 11.08 -1.01
C ALA B 282 6.61 10.67 -2.26
N ILE B 283 7.75 11.27 -2.53
CA ILE B 283 8.52 10.99 -3.73
C ILE B 283 9.92 10.58 -3.32
N GLY B 284 10.49 9.63 -4.04
CA GLY B 284 11.84 9.17 -3.77
C GLY B 284 11.89 7.71 -3.36
N SER B 285 12.79 7.38 -2.45
CA SER B 285 12.96 6.02 -2.00
C SER B 285 11.75 5.52 -1.19
N VAL B 286 11.62 4.19 -1.03
CA VAL B 286 10.53 3.58 -0.27
C VAL B 286 10.61 3.95 1.21
N ASP B 287 9.45 3.97 1.89
CA ASP B 287 9.37 4.30 3.33
C ASP B 287 10.25 3.34 4.15
N LYS B 288 11.06 3.88 5.06
CA LYS B 288 11.99 3.10 5.88
C LYS B 288 11.28 2.08 6.75
N LYS B 289 10.14 2.44 7.36
CA LYS B 289 9.40 1.52 8.20
C LYS B 289 8.80 0.39 7.39
N GLN B 290 8.32 0.67 6.17
CA GLN B 290 7.76 -0.35 5.29
C GLN B 290 8.84 -1.35 4.87
N LEU B 291 10.04 -0.83 4.51
CA LEU B 291 11.18 -1.64 4.09
C LEU B 291 11.64 -2.52 5.26
N GLU B 292 11.80 -1.91 6.45
CA GLU B 292 12.23 -2.63 7.65
C GLU B 292 11.22 -3.62 8.14
N THR B 293 9.92 -3.41 7.86
CA THR B 293 8.87 -4.36 8.25
C THR B 293 8.99 -5.60 7.37
N LEU B 294 9.22 -5.42 6.06
CA LEU B 294 9.39 -6.57 5.17
C LEU B 294 10.71 -7.25 5.36
N MET B 295 11.77 -6.53 5.73
CA MET B 295 13.06 -7.15 6.03
C MET B 295 13.00 -7.97 7.32
N ALA B 296 12.09 -7.63 8.26
CA ALA B 296 11.86 -8.40 9.49
C ALA B 296 11.17 -9.74 9.20
N LYS B 297 10.59 -9.91 7.98
CA LYS B 297 9.99 -11.15 7.48
C LYS B 297 11.05 -12.02 6.75
N GLY B 298 12.33 -11.65 6.77
CA GLY B 298 13.39 -12.41 6.13
C GLY B 298 13.73 -12.02 4.71
N LEU B 299 12.98 -11.07 4.15
CA LEU B 299 13.20 -10.59 2.79
C LEU B 299 14.43 -9.69 2.75
N ASP B 300 15.27 -9.81 1.71
CA ASP B 300 16.43 -8.91 1.60
C ASP B 300 15.99 -7.52 1.09
N GLU B 301 16.86 -6.52 1.17
CA GLU B 301 16.52 -5.16 0.75
C GLU B 301 15.94 -5.07 -0.67
N ASP B 302 16.43 -5.91 -1.58
CA ASP B 302 15.94 -5.92 -2.94
C ASP B 302 14.59 -6.61 -3.06
N GLU B 303 14.39 -7.72 -2.34
CA GLU B 303 13.10 -8.42 -2.38
C GLU B 303 12.02 -7.55 -1.76
N ALA B 304 12.33 -6.87 -0.64
CA ALA B 304 11.40 -5.99 0.09
C ALA B 304 11.03 -4.77 -0.74
N THR B 305 11.99 -4.19 -1.45
CA THR B 305 11.75 -3.03 -2.31
C THR B 305 10.88 -3.46 -3.50
N GLU B 306 11.17 -4.63 -4.09
CA GLU B 306 10.40 -5.18 -5.21
C GLU B 306 8.96 -5.45 -4.81
N ILE B 307 8.72 -5.86 -3.57
CA ILE B 307 7.38 -6.12 -3.08
C ILE B 307 6.59 -4.82 -2.95
N ILE B 308 7.23 -3.77 -2.39
CA ILE B 308 6.64 -2.44 -2.22
C ILE B 308 6.31 -1.82 -3.58
N VAL B 309 7.27 -1.89 -4.52
CA VAL B 309 7.11 -1.41 -5.89
C VAL B 309 5.99 -2.17 -6.65
N LYS B 310 5.94 -3.52 -6.52
CA LYS B 310 4.89 -4.31 -7.17
C LYS B 310 3.53 -3.98 -6.63
N GLY B 311 3.42 -3.76 -5.31
CA GLY B 311 2.17 -3.35 -4.70
C GLY B 311 1.75 -1.95 -5.10
N MET B 312 2.75 -1.07 -5.27
CA MET B 312 2.57 0.31 -5.68
C MET B 312 1.96 0.38 -7.08
N ILE B 313 2.46 -0.45 -8.03
CA ILE B 313 1.97 -0.45 -9.40
C ILE B 313 0.77 -1.38 -9.66
N GLY B 314 0.26 -2.05 -8.61
CA GLY B 314 -0.92 -2.90 -8.67
C GLY B 314 -0.72 -4.34 -9.13
N ASP B 315 0.52 -4.84 -9.10
CA ASP B 315 0.87 -6.21 -9.51
C ASP B 315 0.58 -7.25 -8.40
N LEU B 316 0.86 -6.85 -7.15
CA LEU B 316 0.74 -7.67 -5.93
C LEU B 316 -0.70 -7.85 -5.45
#